data_3OEL
#
_entry.id   3OEL
#
_cell.length_a   59.731
_cell.length_b   114.195
_cell.length_c   95.314
_cell.angle_alpha   90.00
_cell.angle_beta   90.00
_cell.angle_gamma   90.00
#
_symmetry.space_group_name_H-M   'C 2 2 21'
#
loop_
_entity.id
_entity.type
_entity.pdbx_description
1 polymer 'Glutamate [NMDA] receptor subunit epsilon-4'
2 non-polymer 'D-GLUTAMIC ACID'
3 water water
#
_entity_poly.entity_id   1
_entity_poly.type   'polypeptide(L)'
_entity_poly.pdbx_seq_one_letter_code
;GDDTQHLTVATLEERPFVIVEPADPISGTCIRDSVPCRSQLNRTHSPPPDAPRPEKRCCKGFCIDILKRLAHTIGFSYDL
YLVTNGKHGKKIDGVWNGMIGEVFYQRADMAIGSLTINEERSEIVDFSVPFVETGISVMVARGTTVSGLSDRKFQRPQEQ
YPPLKFGTVPNGSTEKNIRSNYPDMHSYMVRYNQPRVEEALTQLKAGKLDAFIYDAAVLNYMARKDEGCKLVTIGSGKVF
ATTGYGIALHKGSRWKRPIDLALLQFLGDDEIEMLERLWLSGICHN
;
_entity_poly.pdbx_strand_id   A
#
# COMPACT_ATOMS: atom_id res chain seq x y z
N GLN A 5 10.69 21.12 14.34
CA GLN A 5 9.31 21.60 14.45
C GLN A 5 8.60 21.54 13.10
N HIS A 6 9.38 21.53 12.02
CA HIS A 6 8.80 21.41 10.69
C HIS A 6 9.38 20.24 9.91
N LEU A 7 8.50 19.34 9.48
CA LEU A 7 8.91 18.13 8.78
C LEU A 7 8.48 18.13 7.33
N THR A 8 9.33 17.58 6.46
CA THR A 8 8.98 17.37 5.06
C THR A 8 8.52 15.93 4.92
N VAL A 9 7.32 15.74 4.40
CA VAL A 9 6.68 14.44 4.40
C VAL A 9 6.35 13.98 2.99
N ALA A 10 6.89 12.83 2.61
CA ALA A 10 6.57 12.22 1.32
C ALA A 10 5.36 11.29 1.43
N THR A 11 4.52 11.27 0.40
CA THR A 11 3.42 10.32 0.36
C THR A 11 3.17 9.89 -1.09
N LEU A 12 2.14 9.08 -1.29
CA LEU A 12 1.88 8.50 -2.60
C LEU A 12 0.41 8.14 -2.65
N GLU A 13 -0.26 8.42 -3.77
CA GLU A 13 -1.68 8.11 -3.85
C GLU A 13 -1.90 6.61 -3.91
N GLU A 14 -2.80 6.14 -3.04
CA GLU A 14 -3.27 4.76 -3.08
C GLU A 14 -4.56 4.67 -2.27
N ARG A 15 -5.67 4.81 -2.97
CA ARG A 15 -6.97 4.89 -2.31
C ARG A 15 -7.27 3.57 -1.64
N PRO A 16 -7.86 3.61 -0.45
CA PRO A 16 -8.32 4.79 0.27
C PRO A 16 -7.35 5.27 1.34
N PHE A 17 -6.10 4.82 1.26
CA PHE A 17 -5.13 5.24 2.27
C PHE A 17 -4.62 6.65 2.01
N VAL A 18 -4.40 6.96 0.74
CA VAL A 18 -4.08 8.32 0.32
C VAL A 18 -4.87 8.57 -0.95
N ILE A 19 -5.66 9.65 -0.93
CA ILE A 19 -6.53 10.00 -2.04
C ILE A 19 -6.21 11.43 -2.45
N VAL A 20 -6.03 11.64 -3.74
CA VAL A 20 -5.64 12.95 -4.24
C VAL A 20 -6.77 13.54 -5.07
N GLU A 21 -7.10 14.79 -4.81
CA GLU A 21 -8.16 15.47 -5.54
C GLU A 21 -7.75 16.91 -5.80
N PRO A 22 -8.38 17.54 -6.82
CA PRO A 22 -8.10 18.95 -7.09
C PRO A 22 -8.62 19.81 -5.95
N ALA A 23 -8.11 21.03 -5.81
CA ALA A 23 -8.69 21.98 -4.87
C ALA A 23 -10.13 22.31 -5.26
N ASP A 24 -10.92 22.71 -4.28
CA ASP A 24 -12.29 23.13 -4.51
C ASP A 24 -12.27 24.25 -5.54
N PRO A 25 -12.93 24.05 -6.69
CA PRO A 25 -12.85 25.04 -7.77
C PRO A 25 -13.40 26.41 -7.34
N ILE A 26 -14.35 26.40 -6.41
CA ILE A 26 -14.99 27.65 -6.01
C ILE A 26 -14.08 28.48 -5.10
N SER A 27 -13.57 27.87 -4.04
CA SER A 27 -12.71 28.57 -3.11
C SER A 27 -11.24 28.55 -3.51
N GLY A 28 -10.87 27.54 -4.31
CA GLY A 28 -9.47 27.35 -4.67
C GLY A 28 -8.64 26.83 -3.50
N THR A 29 -9.31 26.31 -2.49
CA THR A 29 -8.61 25.74 -1.33
C THR A 29 -8.99 24.27 -1.16
N CYS A 30 -8.25 23.56 -0.32
CA CYS A 30 -8.61 22.21 0.06
C CYS A 30 -9.66 22.29 1.16
N ILE A 31 -10.85 21.79 0.86
CA ILE A 31 -11.93 21.83 1.83
C ILE A 31 -12.15 20.49 2.53
N ARG A 32 -13.08 20.47 3.47
CA ARG A 32 -13.38 19.29 4.26
C ARG A 32 -12.15 18.75 4.98
N ASP A 33 -11.97 17.44 4.91
CA ASP A 33 -10.91 16.78 5.66
C ASP A 33 -9.58 16.70 4.89
N SER A 34 -9.45 17.46 3.81
CA SER A 34 -8.27 17.36 2.94
C SER A 34 -7.21 18.36 3.35
N VAL A 35 -5.97 18.06 3.00
CA VAL A 35 -4.86 18.99 3.24
C VAL A 35 -4.08 19.22 1.95
N PRO A 36 -3.45 20.39 1.83
CA PRO A 36 -2.64 20.68 0.65
C PRO A 36 -1.50 19.69 0.51
N CYS A 37 -1.28 19.20 -0.71
CA CYS A 37 -0.11 18.40 -1.02
C CYS A 37 0.34 18.75 -2.43
N ARG A 38 1.64 18.99 -2.58
CA ARG A 38 2.22 19.34 -3.86
C ARG A 38 2.85 18.11 -4.51
N SER A 39 3.25 18.23 -5.76
CA SER A 39 3.91 17.12 -6.45
C SER A 39 5.43 17.23 -6.33
N GLN A 40 6.12 16.09 -6.27
CA GLN A 40 7.57 16.08 -6.15
C GLN A 40 8.23 16.92 -7.24
N ARG A 57 -3.04 20.56 -5.41
CA ARG A 57 -3.79 19.34 -5.17
C ARG A 57 -4.03 19.17 -3.68
N CYS A 58 -5.01 18.33 -3.33
CA CYS A 58 -5.36 18.13 -1.94
C CYS A 58 -5.40 16.65 -1.65
N CYS A 59 -4.90 16.27 -0.48
CA CYS A 59 -4.79 14.88 -0.08
C CYS A 59 -5.68 14.57 1.12
N LYS A 60 -6.30 13.40 1.10
CA LYS A 60 -7.11 12.94 2.22
C LYS A 60 -7.02 11.42 2.31
N GLY A 61 -7.61 10.85 3.35
CA GLY A 61 -7.68 9.41 3.46
C GLY A 61 -7.18 8.92 4.81
N PHE A 62 -7.17 7.60 4.97
CA PHE A 62 -6.80 6.99 6.24
C PHE A 62 -5.43 7.47 6.74
N CYS A 63 -4.42 7.40 5.89
CA CYS A 63 -3.07 7.77 6.30
C CYS A 63 -2.93 9.27 6.50
N ILE A 64 -3.70 10.04 5.75
CA ILE A 64 -3.65 11.49 5.92
C ILE A 64 -4.25 11.88 7.27
N ASP A 65 -5.30 11.16 7.70
CA ASP A 65 -5.89 11.39 9.01
C ASP A 65 -4.92 11.01 10.13
N ILE A 66 -4.12 9.97 9.90
CA ILE A 66 -3.08 9.60 10.86
C ILE A 66 -2.05 10.71 10.96
N LEU A 67 -1.64 11.23 9.80
CA LEU A 67 -0.67 12.31 9.75
C LEU A 67 -1.19 13.55 10.48
N LYS A 68 -2.46 13.87 10.24
CA LYS A 68 -3.06 15.03 10.91
C LYS A 68 -3.01 14.88 12.43
N ARG A 69 -3.33 13.69 12.93
CA ARG A 69 -3.31 13.44 14.36
C ARG A 69 -1.90 13.45 14.95
N LEU A 70 -0.93 12.90 14.22
CA LEU A 70 0.46 12.94 14.67
C LEU A 70 0.93 14.38 14.80
N ALA A 71 0.62 15.19 13.79
CA ALA A 71 1.07 16.57 13.77
C ALA A 71 0.49 17.35 14.95
N HIS A 72 -0.79 17.13 15.23
CA HIS A 72 -1.44 17.78 16.35
C HIS A 72 -0.94 17.26 17.70
N THR A 73 -0.83 15.94 17.84
CA THR A 73 -0.43 15.34 19.10
C THR A 73 1.04 15.64 19.46
N ILE A 74 1.92 15.54 18.47
CA ILE A 74 3.35 15.71 18.73
C ILE A 74 3.72 17.19 18.61
N GLY A 75 2.98 17.92 17.78
CA GLY A 75 3.18 19.35 17.63
C GLY A 75 4.21 19.74 16.60
N PHE A 76 4.07 19.25 15.38
CA PHE A 76 4.93 19.70 14.30
C PHE A 76 4.11 20.22 13.13
N SER A 77 4.71 21.09 12.34
CA SER A 77 4.11 21.50 11.09
C SER A 77 4.76 20.64 10.00
N TYR A 78 4.15 20.60 8.83
CA TYR A 78 4.71 19.76 7.79
C TYR A 78 4.42 20.28 6.39
N ASP A 79 5.24 19.80 5.47
CA ASP A 79 5.15 20.08 4.05
C ASP A 79 4.94 18.72 3.39
N LEU A 80 3.75 18.49 2.85
CA LEU A 80 3.39 17.20 2.27
C LEU A 80 3.52 17.18 0.75
N TYR A 81 4.21 16.20 0.20
CA TYR A 81 4.34 16.09 -1.25
C TYR A 81 4.16 14.67 -1.75
N LEU A 82 3.69 14.57 -2.98
CA LEU A 82 3.45 13.28 -3.62
C LEU A 82 4.69 12.87 -4.39
N VAL A 83 5.10 11.62 -4.20
CA VAL A 83 6.27 11.07 -4.88
C VAL A 83 5.97 10.82 -6.36
N THR A 84 6.89 11.25 -7.23
CA THR A 84 6.79 11.02 -8.65
C THR A 84 7.93 10.11 -9.14
N ASN A 85 8.95 9.96 -8.31
CA ASN A 85 10.08 9.09 -8.64
C ASN A 85 9.79 7.66 -8.21
N GLY A 86 9.02 6.94 -9.02
CA GLY A 86 8.57 5.61 -8.65
C GLY A 86 7.40 5.66 -7.69
N LYS A 87 7.19 4.59 -6.92
CA LYS A 87 6.02 4.48 -6.07
C LYS A 87 6.41 4.26 -4.61
N HIS A 88 6.17 3.05 -4.10
CA HIS A 88 6.42 2.77 -2.70
C HIS A 88 7.91 2.69 -2.41
N GLY A 89 8.62 1.91 -3.22
CA GLY A 89 10.06 1.84 -3.08
C GLY A 89 10.62 0.57 -3.69
N LYS A 90 11.58 0.75 -4.58
CA LYS A 90 12.30 -0.39 -5.14
C LYS A 90 13.75 -0.03 -5.27
N LYS A 91 14.61 -1.01 -5.06
CA LYS A 91 16.04 -0.83 -5.21
C LYS A 91 16.46 -1.44 -6.55
N ILE A 92 17.11 -0.65 -7.40
CA ILE A 92 17.56 -1.16 -8.69
C ILE A 92 19.01 -0.75 -8.91
N ASP A 93 19.87 -1.74 -9.13
CA ASP A 93 21.29 -1.48 -9.36
C ASP A 93 21.85 -0.52 -8.31
N GLY A 94 21.51 -0.78 -7.04
CA GLY A 94 22.08 -0.04 -5.93
C GLY A 94 21.38 1.26 -5.55
N VAL A 95 20.31 1.61 -6.26
CA VAL A 95 19.63 2.89 -6.03
C VAL A 95 18.17 2.70 -5.67
N TRP A 96 17.73 3.34 -4.60
CA TRP A 96 16.33 3.29 -4.19
C TRP A 96 15.48 4.39 -4.82
N ASN A 97 14.27 4.03 -5.26
CA ASN A 97 13.29 5.04 -5.65
C ASN A 97 12.07 5.05 -4.71
N GLY A 98 11.03 5.76 -5.12
CA GLY A 98 9.77 5.79 -4.38
C GLY A 98 9.85 6.47 -3.03
N MET A 99 8.84 6.23 -2.18
CA MET A 99 8.83 6.81 -0.83
C MET A 99 10.07 6.41 -0.04
N ILE A 100 10.49 5.16 -0.14
CA ILE A 100 11.68 4.70 0.58
C ILE A 100 12.93 5.50 0.18
N GLY A 101 13.12 5.69 -1.11
CA GLY A 101 14.22 6.51 -1.61
C GLY A 101 14.20 7.94 -1.08
N GLU A 102 13.03 8.58 -1.04
CA GLU A 102 12.92 9.94 -0.53
C GLU A 102 13.43 10.06 0.91
N VAL A 103 13.11 9.07 1.72
CA VAL A 103 13.55 9.05 3.11
C VAL A 103 15.04 8.67 3.22
N PHE A 104 15.42 7.59 2.54
CA PHE A 104 16.80 7.11 2.55
C PHE A 104 17.80 8.19 2.09
N TYR A 105 17.45 8.91 1.04
CA TYR A 105 18.36 9.94 0.53
C TYR A 105 18.13 11.27 1.24
N GLN A 106 17.29 11.24 2.27
CA GLN A 106 17.08 12.38 3.16
C GLN A 106 16.43 13.57 2.47
N ARG A 107 15.63 13.30 1.46
CA ARG A 107 14.86 14.35 0.83
C ARG A 107 13.60 14.64 1.62
N ALA A 108 13.14 13.63 2.36
CA ALA A 108 11.99 13.79 3.24
C ALA A 108 12.36 13.31 4.63
N ASP A 109 11.75 13.91 5.65
CA ASP A 109 11.97 13.49 7.04
C ASP A 109 11.21 12.21 7.35
N MET A 110 10.11 11.99 6.64
CA MET A 110 9.33 10.78 6.81
C MET A 110 8.51 10.50 5.57
N ALA A 111 8.09 9.26 5.41
CA ALA A 111 7.11 8.94 4.38
C ALA A 111 5.94 8.24 5.05
N ILE A 112 4.73 8.67 4.73
CA ILE A 112 3.54 8.01 5.25
C ILE A 112 2.57 7.69 4.13
N GLY A 113 2.02 6.49 4.18
CA GLY A 113 1.08 6.05 3.18
C GLY A 113 0.91 4.56 3.39
N SER A 114 0.44 3.88 2.36
CA SER A 114 0.29 2.42 2.39
C SER A 114 1.66 1.81 2.11
N LEU A 115 2.59 2.02 3.04
CA LEU A 115 3.98 1.64 2.83
C LEU A 115 4.31 0.40 3.65
N THR A 116 4.64 -0.71 2.97
CA THR A 116 4.82 -1.99 3.64
C THR A 116 6.20 -2.19 4.27
N ILE A 117 6.20 -2.64 5.52
CA ILE A 117 7.45 -2.96 6.19
C ILE A 117 7.97 -4.30 5.65
N ASN A 118 9.21 -4.29 5.17
CA ASN A 118 9.88 -5.56 4.88
C ASN A 118 11.35 -5.50 5.27
N GLU A 119 12.03 -6.63 5.18
CA GLU A 119 13.40 -6.74 5.67
C GLU A 119 14.37 -5.82 4.94
N GLU A 120 14.28 -5.83 3.61
CA GLU A 120 15.15 -5.04 2.77
C GLU A 120 15.05 -3.54 3.09
N ARG A 121 13.83 -3.06 3.26
CA ARG A 121 13.63 -1.65 3.55
C ARG A 121 14.06 -1.33 4.99
N SER A 122 13.76 -2.23 5.91
CA SER A 122 14.10 -2.03 7.32
C SER A 122 15.60 -1.92 7.54
N GLU A 123 16.38 -2.50 6.63
CA GLU A 123 17.82 -2.41 6.75
C GLU A 123 18.33 -0.98 6.56
N ILE A 124 17.63 -0.19 5.76
CA ILE A 124 18.15 1.12 5.38
C ILE A 124 17.35 2.33 5.87
N VAL A 125 16.12 2.11 6.32
CA VAL A 125 15.34 3.16 6.99
C VAL A 125 14.75 2.61 8.28
N ASP A 126 14.43 3.48 9.22
CA ASP A 126 13.69 3.05 10.38
C ASP A 126 12.20 3.13 10.07
N PHE A 127 11.43 2.18 10.60
CA PHE A 127 9.98 2.24 10.47
C PHE A 127 9.37 2.53 11.84
N SER A 128 8.25 3.25 11.86
CA SER A 128 7.42 3.32 13.04
C SER A 128 6.89 1.92 13.35
N VAL A 129 6.29 1.75 14.52
CA VAL A 129 5.50 0.56 14.79
C VAL A 129 4.41 0.48 13.71
N PRO A 130 4.01 -0.74 13.32
CA PRO A 130 2.99 -0.89 12.27
C PRO A 130 1.63 -0.38 12.75
N PHE A 131 0.90 0.31 11.88
CA PHE A 131 -0.40 0.85 12.28
C PHE A 131 -1.56 0.28 11.46
N VAL A 132 -1.23 -0.52 10.45
CA VAL A 132 -2.22 -1.26 9.68
C VAL A 132 -1.63 -2.64 9.42
N GLU A 133 -2.42 -3.69 9.63
CA GLU A 133 -1.92 -5.01 9.34
C GLU A 133 -2.12 -5.33 7.85
N THR A 134 -1.07 -5.84 7.20
CA THR A 134 -1.20 -6.28 5.82
C THR A 134 -0.46 -7.55 5.56
N GLY A 135 -0.23 -7.78 4.26
CA GLY A 135 0.45 -8.97 3.77
C GLY A 135 0.12 -9.07 2.30
N ILE A 136 -0.04 -10.29 1.82
CA ILE A 136 -0.39 -10.53 0.43
C ILE A 136 -1.65 -11.37 0.39
N SER A 137 -2.59 -10.96 -0.47
CA SER A 137 -3.81 -11.74 -0.71
C SER A 137 -3.98 -11.95 -2.20
N VAL A 138 -4.95 -12.78 -2.56
CA VAL A 138 -5.23 -13.10 -3.96
C VAL A 138 -6.67 -12.77 -4.27
N MET A 139 -6.89 -11.98 -5.30
CA MET A 139 -8.25 -11.61 -5.70
C MET A 139 -8.65 -12.32 -6.98
N VAL A 140 -9.87 -12.87 -6.97
CA VAL A 140 -10.42 -13.53 -8.14
C VAL A 140 -11.89 -13.14 -8.29
N ALA A 141 -12.45 -13.40 -9.45
CA ALA A 141 -13.88 -13.19 -9.67
C ALA A 141 -14.65 -14.26 -8.90
N ARG A 142 -15.76 -13.88 -8.29
CA ARG A 142 -16.54 -14.81 -7.48
C ARG A 142 -16.87 -16.09 -8.25
N GLY A 143 -17.07 -15.96 -9.56
CA GLY A 143 -17.29 -17.12 -10.41
C GLY A 143 -16.11 -18.08 -10.36
N THR A 144 -14.93 -17.56 -10.67
CA THR A 144 -13.70 -18.36 -10.71
C THR A 144 -13.53 -19.27 -9.49
N THR A 145 -12.86 -20.41 -9.71
CA THR A 145 -12.67 -21.39 -8.65
C THR A 145 -11.25 -21.94 -8.60
N VAL A 146 -10.45 -21.41 -7.67
CA VAL A 146 -9.18 -22.00 -7.30
C VAL A 146 -9.13 -22.07 -5.77
N SER A 147 -8.24 -22.90 -5.23
CA SER A 147 -8.15 -23.07 -3.79
C SER A 147 -7.53 -21.83 -3.14
N GLY A 148 -6.37 -21.44 -3.67
CA GLY A 148 -5.60 -20.32 -3.14
C GLY A 148 -4.24 -20.31 -3.79
N LEU A 149 -3.29 -19.63 -3.17
CA LEU A 149 -1.93 -19.53 -3.71
C LEU A 149 -1.17 -20.85 -3.67
N SER A 150 -1.73 -21.82 -2.94
CA SER A 150 -1.15 -23.15 -2.88
C SER A 150 -1.44 -23.91 -4.16
N ASP A 151 -2.60 -23.64 -4.74
CA ASP A 151 -3.04 -24.29 -5.98
C ASP A 151 -1.93 -24.32 -7.02
N ARG A 152 -1.71 -25.50 -7.61
CA ARG A 152 -0.66 -25.69 -8.60
C ARG A 152 -0.89 -24.87 -9.86
N LYS A 153 -2.12 -24.40 -10.05
CA LYS A 153 -2.40 -23.49 -11.15
C LYS A 153 -1.47 -22.30 -11.01
N PHE A 154 -1.21 -21.91 -9.77
CA PHE A 154 -0.29 -20.82 -9.46
C PHE A 154 1.14 -21.31 -9.38
N GLN A 155 1.36 -22.38 -8.61
CA GLN A 155 2.70 -22.86 -8.29
C GLN A 155 3.41 -23.54 -9.46
N ARG A 156 2.71 -24.48 -10.10
CA ARG A 156 3.20 -25.12 -11.31
C ARG A 156 2.40 -24.57 -12.48
N PRO A 157 2.68 -23.31 -12.85
CA PRO A 157 1.82 -22.47 -13.70
C PRO A 157 1.75 -22.95 -15.14
N GLN A 158 2.88 -23.35 -15.70
CA GLN A 158 2.93 -23.82 -17.08
C GLN A 158 2.69 -25.32 -17.19
N GLU A 159 1.92 -25.85 -16.25
CA GLU A 159 1.48 -27.25 -16.30
C GLU A 159 0.04 -27.34 -16.80
N GLN A 160 -0.71 -26.25 -16.63
CA GLN A 160 -2.13 -26.23 -16.99
C GLN A 160 -2.33 -25.96 -18.48
N TYR A 161 -3.25 -26.71 -19.09
CA TYR A 161 -3.46 -26.64 -20.53
C TYR A 161 -3.65 -25.20 -21.04
N PRO A 162 -4.79 -24.56 -20.70
CA PRO A 162 -4.82 -23.11 -20.92
C PRO A 162 -4.25 -22.46 -19.67
N PRO A 163 -3.05 -21.87 -19.77
CA PRO A 163 -2.32 -21.35 -18.60
C PRO A 163 -3.18 -20.43 -17.73
N LEU A 164 -2.95 -20.45 -16.43
CA LEU A 164 -3.64 -19.52 -15.54
C LEU A 164 -2.96 -18.16 -15.64
N LYS A 165 -3.76 -17.10 -15.73
CA LYS A 165 -3.21 -15.76 -15.90
C LYS A 165 -3.28 -15.00 -14.58
N PHE A 166 -2.14 -14.82 -13.93
CA PHE A 166 -2.13 -14.06 -12.68
C PHE A 166 -0.99 -13.08 -12.62
N GLY A 167 -1.27 -11.90 -12.10
CA GLY A 167 -0.27 -10.85 -12.06
C GLY A 167 -0.37 -10.02 -10.81
N THR A 168 0.61 -9.12 -10.67
CA THR A 168 0.61 -8.15 -9.59
C THR A 168 0.97 -6.82 -10.24
N VAL A 169 1.00 -5.76 -9.44
CA VAL A 169 1.62 -4.52 -9.88
C VAL A 169 3.08 -4.60 -9.42
N PRO A 170 4.02 -4.59 -10.36
CA PRO A 170 5.43 -4.85 -10.03
C PRO A 170 6.07 -3.70 -9.24
N ASN A 171 7.25 -3.95 -8.68
CA ASN A 171 8.10 -2.95 -8.02
C ASN A 171 7.84 -2.75 -6.52
N GLY A 172 6.79 -3.36 -5.99
CA GLY A 172 6.45 -3.21 -4.59
C GLY A 172 6.82 -4.40 -3.74
N SER A 173 6.39 -4.39 -2.49
CA SER A 173 6.77 -5.45 -1.55
C SER A 173 6.20 -6.80 -1.98
N THR A 174 5.09 -6.80 -2.70
CA THR A 174 4.53 -8.07 -3.15
C THR A 174 5.44 -8.78 -4.14
N GLU A 175 5.83 -8.09 -5.20
CA GLU A 175 6.73 -8.70 -6.18
C GLU A 175 8.05 -9.10 -5.53
N LYS A 176 8.56 -8.25 -4.65
CA LYS A 176 9.79 -8.57 -3.94
C LYS A 176 9.67 -9.91 -3.21
N ASN A 177 8.53 -10.10 -2.54
CA ASN A 177 8.32 -11.31 -1.75
C ASN A 177 8.23 -12.55 -2.65
N ILE A 178 7.51 -12.43 -3.75
CA ILE A 178 7.33 -13.55 -4.67
C ILE A 178 8.63 -13.92 -5.35
N ARG A 179 9.37 -12.92 -5.80
CA ARG A 179 10.64 -13.22 -6.46
C ARG A 179 11.61 -13.93 -5.51
N SER A 180 11.63 -13.50 -4.25
CA SER A 180 12.55 -14.07 -3.26
C SER A 180 12.15 -15.49 -2.84
N ASN A 181 10.85 -15.70 -2.67
CA ASN A 181 10.36 -16.96 -2.09
C ASN A 181 9.86 -17.97 -3.12
N TYR A 182 9.35 -17.49 -4.25
CA TYR A 182 8.83 -18.36 -5.30
C TYR A 182 9.28 -17.88 -6.67
N PRO A 183 10.60 -17.95 -6.95
CA PRO A 183 11.16 -17.43 -8.20
C PRO A 183 10.56 -18.05 -9.46
N ASP A 184 10.15 -19.31 -9.40
CA ASP A 184 9.54 -19.96 -10.56
C ASP A 184 8.21 -19.28 -10.89
N MET A 185 7.36 -19.15 -9.89
CA MET A 185 6.07 -18.51 -10.05
C MET A 185 6.27 -17.06 -10.48
N HIS A 186 7.25 -16.38 -9.87
CA HIS A 186 7.52 -15.00 -10.23
C HIS A 186 7.81 -14.86 -11.72
N SER A 187 8.65 -15.75 -12.25
CA SER A 187 9.06 -15.65 -13.64
C SER A 187 7.86 -15.75 -14.57
N TYR A 188 6.87 -16.53 -14.15
CA TYR A 188 5.65 -16.75 -14.91
C TYR A 188 4.69 -15.55 -14.84
N MET A 189 4.78 -14.79 -13.74
CA MET A 189 3.89 -13.65 -13.52
C MET A 189 4.28 -12.39 -14.29
N VAL A 190 5.54 -12.31 -14.69
CA VAL A 190 6.07 -11.10 -15.30
C VAL A 190 5.27 -10.57 -16.49
N ARG A 191 4.83 -11.46 -17.37
CA ARG A 191 4.06 -11.02 -18.54
C ARG A 191 2.68 -10.49 -18.18
N TYR A 192 2.25 -10.71 -16.94
CA TYR A 192 0.94 -10.26 -16.47
C TYR A 192 1.01 -9.07 -15.51
N ASN A 193 2.17 -8.45 -15.43
CA ASN A 193 2.35 -7.22 -14.65
C ASN A 193 1.27 -6.20 -15.01
N GLN A 194 0.75 -5.50 -14.00
CA GLN A 194 -0.29 -4.49 -14.23
C GLN A 194 0.26 -3.13 -13.82
N PRO A 195 -0.19 -2.04 -14.47
CA PRO A 195 0.39 -0.72 -14.19
C PRO A 195 -0.14 -0.10 -12.90
N ARG A 196 -1.36 -0.44 -12.54
CA ARG A 196 -1.94 0.01 -11.27
C ARG A 196 -3.14 -0.85 -10.91
N VAL A 197 -3.61 -0.71 -9.68
CA VAL A 197 -4.68 -1.55 -9.17
C VAL A 197 -5.94 -1.43 -10.00
N GLU A 198 -6.28 -0.20 -10.38
CA GLU A 198 -7.48 0.04 -11.16
C GLU A 198 -7.50 -0.80 -12.46
N GLU A 199 -6.40 -0.82 -13.20
CA GLU A 199 -6.34 -1.60 -14.43
C GLU A 199 -6.39 -3.10 -14.15
N ALA A 200 -5.71 -3.52 -13.09
CA ALA A 200 -5.71 -4.93 -12.70
C ALA A 200 -7.13 -5.41 -12.44
N LEU A 201 -7.91 -4.62 -11.69
CA LEU A 201 -9.31 -4.97 -11.40
C LEU A 201 -10.11 -5.09 -12.68
N THR A 202 -9.87 -4.15 -13.60
CA THR A 202 -10.51 -4.15 -14.91
C THR A 202 -10.20 -5.42 -15.71
N GLN A 203 -8.92 -5.82 -15.72
CA GLN A 203 -8.53 -7.01 -16.44
C GLN A 203 -9.11 -8.25 -15.80
N LEU A 204 -9.14 -8.25 -14.47
CA LEU A 204 -9.69 -9.38 -13.73
C LEU A 204 -11.18 -9.55 -14.04
N LYS A 205 -11.92 -8.45 -14.07
CA LYS A 205 -13.36 -8.51 -14.34
C LYS A 205 -13.65 -8.86 -15.80
N ALA A 206 -12.72 -8.51 -16.69
CA ALA A 206 -12.86 -8.85 -18.09
C ALA A 206 -12.34 -10.25 -18.40
N GLY A 207 -11.79 -10.90 -17.38
CA GLY A 207 -11.26 -12.24 -17.54
C GLY A 207 -9.92 -12.31 -18.25
N LYS A 208 -9.28 -11.16 -18.44
CA LYS A 208 -7.93 -11.13 -19.01
C LYS A 208 -6.89 -11.56 -17.98
N LEU A 209 -7.23 -11.41 -16.70
CA LEU A 209 -6.49 -12.05 -15.63
C LEU A 209 -7.42 -13.02 -14.92
N ASP A 210 -6.86 -14.08 -14.38
CA ASP A 210 -7.64 -15.02 -13.59
C ASP A 210 -7.50 -14.70 -12.10
N ALA A 211 -6.34 -14.16 -11.71
CA ALA A 211 -6.15 -13.71 -10.34
C ALA A 211 -5.21 -12.51 -10.27
N PHE A 212 -5.40 -11.68 -9.25
CA PHE A 212 -4.56 -10.52 -9.03
C PHE A 212 -4.00 -10.64 -7.61
N ILE A 213 -2.68 -10.67 -7.51
CA ILE A 213 -2.01 -10.88 -6.24
C ILE A 213 -1.42 -9.54 -5.80
N TYR A 214 -1.77 -9.09 -4.60
CA TYR A 214 -1.44 -7.74 -4.18
C TYR A 214 -1.57 -7.54 -2.68
N ASP A 215 -1.12 -6.37 -2.23
CA ASP A 215 -1.24 -5.95 -0.85
C ASP A 215 -2.62 -6.31 -0.26
N ALA A 216 -2.62 -6.95 0.89
CA ALA A 216 -3.84 -7.46 1.49
C ALA A 216 -4.82 -6.37 1.92
N ALA A 217 -4.30 -5.34 2.59
CA ALA A 217 -5.14 -4.26 3.10
C ALA A 217 -5.89 -3.57 1.96
N VAL A 218 -5.17 -3.31 0.87
CA VAL A 218 -5.79 -2.70 -0.31
C VAL A 218 -6.75 -3.64 -1.02
N LEU A 219 -6.33 -4.89 -1.26
CA LEU A 219 -7.17 -5.85 -1.97
C LEU A 219 -8.47 -6.14 -1.22
N ASN A 220 -8.37 -6.31 0.09
CA ASN A 220 -9.54 -6.59 0.89
C ASN A 220 -10.52 -5.43 0.88
N TYR A 221 -10.01 -4.21 0.86
CA TYR A 221 -10.87 -3.04 0.74
C TYR A 221 -11.59 -3.02 -0.61
N MET A 222 -10.84 -3.28 -1.68
CA MET A 222 -11.42 -3.28 -3.02
C MET A 222 -12.52 -4.33 -3.16
N ALA A 223 -12.34 -5.47 -2.49
CA ALA A 223 -13.33 -6.52 -2.48
C ALA A 223 -14.60 -6.01 -1.80
N ARG A 224 -14.43 -5.36 -0.67
CA ARG A 224 -15.57 -4.81 0.08
C ARG A 224 -16.33 -3.69 -0.66
N LYS A 225 -15.66 -3.03 -1.60
CA LYS A 225 -16.27 -1.89 -2.30
C LYS A 225 -16.71 -2.23 -3.72
N ASP A 226 -16.45 -3.46 -4.15
CA ASP A 226 -16.69 -3.80 -5.55
C ASP A 226 -18.15 -3.64 -5.96
N GLU A 227 -18.41 -2.76 -6.93
CA GLU A 227 -19.74 -2.62 -7.52
C GLU A 227 -20.33 -3.99 -7.88
N GLY A 228 -21.31 -4.43 -7.13
CA GLY A 228 -21.97 -5.70 -7.41
C GLY A 228 -21.35 -6.87 -6.68
N CYS A 229 -20.28 -6.61 -5.95
CA CYS A 229 -19.63 -7.63 -5.13
C CYS A 229 -19.23 -8.87 -5.91
N LYS A 230 -18.59 -8.66 -7.06
CA LYS A 230 -18.21 -9.76 -7.93
C LYS A 230 -16.75 -10.16 -7.71
N LEU A 231 -16.00 -9.35 -6.97
CA LEU A 231 -14.60 -9.63 -6.71
C LEU A 231 -14.38 -10.09 -5.27
N VAL A 232 -13.68 -11.21 -5.11
CA VAL A 232 -13.46 -11.75 -3.79
C VAL A 232 -11.99 -12.04 -3.53
N THR A 233 -11.58 -11.92 -2.27
CA THR A 233 -10.21 -12.21 -1.88
C THR A 233 -10.09 -13.58 -1.24
N ILE A 234 -9.00 -14.27 -1.57
CA ILE A 234 -8.60 -15.48 -0.86
C ILE A 234 -7.36 -15.16 -0.02
N GLY A 235 -7.37 -15.59 1.24
CA GLY A 235 -6.19 -15.46 2.08
C GLY A 235 -5.05 -16.22 1.44
N SER A 236 -3.83 -15.68 1.53
CA SER A 236 -2.67 -16.39 1.00
C SER A 236 -2.25 -17.47 1.99
N GLY A 237 -2.80 -17.40 3.19
CA GLY A 237 -2.55 -18.40 4.21
C GLY A 237 -1.10 -18.53 4.62
N LYS A 238 -0.56 -19.74 4.45
CA LYS A 238 0.79 -20.06 4.90
C LYS A 238 1.84 -19.68 3.85
N VAL A 239 1.36 -19.38 2.64
CA VAL A 239 2.23 -19.05 1.52
C VAL A 239 3.04 -17.77 1.77
N PHE A 240 2.39 -16.76 2.34
CA PHE A 240 3.04 -15.47 2.54
C PHE A 240 2.92 -14.94 3.96
N ALA A 241 3.83 -14.05 4.32
CA ALA A 241 3.92 -13.55 5.69
C ALA A 241 3.10 -12.29 5.91
N THR A 242 2.50 -12.20 7.09
CA THR A 242 1.80 -11.00 7.51
C THR A 242 2.84 -9.93 7.83
N THR A 243 2.48 -8.68 7.60
CA THR A 243 3.35 -7.58 7.95
C THR A 243 2.44 -6.39 8.22
N GLY A 244 2.96 -5.18 8.13
CA GLY A 244 2.13 -4.01 8.40
C GLY A 244 2.61 -2.81 7.61
N TYR A 245 1.78 -1.77 7.54
CA TYR A 245 2.22 -0.48 7.05
C TYR A 245 2.97 0.21 8.18
N GLY A 246 4.09 0.85 7.86
CA GLY A 246 4.82 1.64 8.82
C GLY A 246 5.22 2.97 8.22
N ILE A 247 5.40 3.98 9.06
CA ILE A 247 5.93 5.26 8.60
C ILE A 247 7.44 5.13 8.49
N ALA A 248 8.00 5.51 7.33
CA ALA A 248 9.43 5.40 7.13
C ALA A 248 10.12 6.67 7.62
N LEU A 249 11.23 6.49 8.33
CA LEU A 249 12.02 7.60 8.87
C LEU A 249 13.50 7.36 8.61
N HIS A 250 14.30 8.42 8.66
CA HIS A 250 15.75 8.29 8.56
C HIS A 250 16.24 7.23 9.55
N LYS A 251 17.21 6.43 9.14
CA LYS A 251 17.81 5.48 10.07
C LYS A 251 18.31 6.26 11.28
N GLY A 252 17.86 5.88 12.48
CA GLY A 252 18.25 6.56 13.70
C GLY A 252 17.51 7.85 13.99
N SER A 253 16.39 8.04 13.30
CA SER A 253 15.59 9.26 13.44
C SER A 253 15.14 9.49 14.88
N ARG A 254 15.23 10.73 15.32
CA ARG A 254 14.79 11.08 16.67
C ARG A 254 13.28 11.14 16.67
N TRP A 255 12.68 11.03 15.49
CA TRP A 255 11.22 11.14 15.37
C TRP A 255 10.52 9.81 15.61
N LYS A 256 11.27 8.71 15.57
CA LYS A 256 10.63 7.40 15.69
C LYS A 256 9.89 7.24 17.02
N ARG A 257 10.55 7.56 18.12
CA ARG A 257 9.95 7.33 19.44
C ARG A 257 8.66 8.11 19.68
N PRO A 258 8.66 9.43 19.42
CA PRO A 258 7.41 10.15 19.64
C PRO A 258 6.31 9.72 18.67
N ILE A 259 6.67 9.37 17.44
CA ILE A 259 5.70 8.85 16.48
C ILE A 259 5.10 7.53 16.99
N ASP A 260 5.96 6.65 17.48
CA ASP A 260 5.52 5.36 18.01
C ASP A 260 4.58 5.52 19.18
N LEU A 261 4.97 6.34 20.14
CA LEU A 261 4.14 6.59 21.32
C LEU A 261 2.76 7.11 20.93
N ALA A 262 2.74 8.07 20.01
CA ALA A 262 1.46 8.59 19.53
C ALA A 262 0.62 7.50 18.87
N LEU A 263 1.21 6.75 17.95
CA LEU A 263 0.48 5.68 17.26
C LEU A 263 -0.06 4.67 18.26
N LEU A 264 0.77 4.32 19.23
CA LEU A 264 0.38 3.37 20.27
C LEU A 264 -0.80 3.93 21.07
N GLN A 265 -0.75 5.22 21.37
CA GLN A 265 -1.86 5.89 22.04
C GLN A 265 -3.12 5.83 21.19
N PHE A 266 -2.99 6.16 19.90
CA PHE A 266 -4.14 6.14 19.00
C PHE A 266 -4.77 4.75 18.98
N LEU A 267 -3.93 3.72 18.83
CA LEU A 267 -4.42 2.35 18.80
C LEU A 267 -5.25 2.00 20.04
N GLY A 268 -4.72 2.32 21.23
CA GLY A 268 -5.39 1.96 22.47
C GLY A 268 -6.57 2.85 22.80
N ASP A 269 -6.67 3.96 22.10
CA ASP A 269 -7.76 4.91 22.30
C ASP A 269 -8.89 4.61 21.32
N ASP A 270 -8.72 3.54 20.55
CA ASP A 270 -9.67 3.16 19.49
C ASP A 270 -9.80 4.22 18.41
N GLU A 271 -8.81 5.11 18.33
CA GLU A 271 -8.79 6.13 17.29
C GLU A 271 -8.49 5.51 15.92
N ILE A 272 -7.57 4.55 15.87
CA ILE A 272 -7.26 3.84 14.64
C ILE A 272 -8.46 2.99 14.20
N GLU A 273 -9.11 2.33 15.15
CA GLU A 273 -10.28 1.53 14.84
C GLU A 273 -11.36 2.40 14.24
N MET A 274 -11.52 3.60 14.80
CA MET A 274 -12.50 4.56 14.27
C MET A 274 -12.16 4.92 12.83
N LEU A 275 -10.88 5.18 12.56
CA LEU A 275 -10.44 5.54 11.21
C LEU A 275 -10.63 4.38 10.23
N GLU A 276 -10.45 3.16 10.69
CA GLU A 276 -10.71 2.00 9.84
C GLU A 276 -12.18 1.98 9.42
N ARG A 277 -13.05 2.17 10.39
CA ARG A 277 -14.49 2.20 10.12
C ARG A 277 -14.80 3.33 9.15
N LEU A 278 -14.17 4.47 9.37
CA LEU A 278 -14.42 5.66 8.56
C LEU A 278 -14.00 5.49 7.10
N TRP A 279 -12.83 4.90 6.88
CA TRP A 279 -12.20 4.90 5.57
C TRP A 279 -12.24 3.56 4.83
N LEU A 280 -12.30 2.46 5.57
CA LEU A 280 -12.05 1.16 4.97
C LEU A 280 -13.29 0.26 4.95
N SER A 281 -14.44 0.80 5.32
CA SER A 281 -15.67 0.03 5.32
C SER A 281 -16.22 -0.16 3.92
N GLY A 282 -16.98 -1.23 3.72
CA GLY A 282 -17.65 -1.49 2.47
C GLY A 282 -18.89 -2.32 2.72
N ILE A 283 -19.69 -2.56 1.69
CA ILE A 283 -20.93 -3.30 1.88
C ILE A 283 -20.82 -4.79 1.54
N CYS A 284 -19.87 -5.15 0.68
CA CYS A 284 -19.75 -6.53 0.22
C CYS A 284 -19.30 -7.48 1.35
#